data_4D2D
#
_entry.id   4D2D
#
_cell.length_a   103.380
_cell.length_b   110.700
_cell.length_c   110.620
_cell.angle_alpha   90.00
_cell.angle_beta   90.00
_cell.angle_gamma   90.00
#
_symmetry.space_group_name_H-M   'C 2 2 21'
#
loop_
_entity.id
_entity.type
_entity.pdbx_description
1 polymer 'DI-OR TRIPEPTIDE\:H+ SYMPORTER'
2 polymer ALANINE-TRIPEPTIDE
3 non-polymer (2S)-2,3-DIHYDROXYPROPYL(7Z)-PENTADEC-7-ENOATE
4 non-polymer (2R)-2,3-DIHYDROXYPROPYL(7Z)-PENTADEC-7-ENOATE
5 non-polymer 'PHOSPHATE ION'
6 water water
#
loop_
_entity_poly.entity_id
_entity_poly.type
_entity_poly.pdbx_seq_one_letter_code
_entity_poly.pdbx_strand_id
1 'polypeptide(L)'
;MEDKGKTFFGQPLGLSTLFMTEMWERFSYYGMRAILLYYMWFLISTGDLHITRATAASIMAIYASMVYLSGTIGGFVADR
IIGARPAVFWGGVLIMLGHIVLALPFGASALFGSIILIIIGTGFLKPNVSTLVGTLYDEHDRRRDAGFSIFVFGINLGAF
IAPLIVGAAQEAAGYHVAFSLAAIGMFIGLLVYYFGGKKTLDPHYLRPTDPLAPEEVKPLLVKVSLAVAGFIAIIVVMNL
VGWNSLPAYINLLTIVAIAIPVFYFAWMISSVKVTSTEHLRVVSYIPLFIAAVLFWAIEEQGSVVLATFAAERVDSSWFP
VSWFQSLNPLFIMLYTPFFAWLWTAWKKNQPSSPTKFAVGLMFAGLSFLLMAIPGALYGTSGKVSPLWLVGSWALVILGE
MLISPVGLSVTTKLAPKAFNSQMMSMWFLSSSVGSALNAQLVTLYNAKSEVAYFSYFGLGSVVLGIVLVFLSKRIQGLMQ
GVEGSENLYFQ
;
A
2 'polypeptide(L)' AAA B
#
# COMPACT_ATOMS: atom_id res chain seq x y z
N LYS A 6 23.87 10.95 23.55
CA LYS A 6 22.62 11.54 23.12
C LYS A 6 22.09 10.88 21.84
N THR A 7 20.97 10.19 21.97
CA THR A 7 20.43 9.39 20.87
C THR A 7 18.94 9.62 20.63
N PHE A 8 18.42 8.99 19.59
CA PHE A 8 16.97 8.93 19.38
C PHE A 8 16.53 7.50 19.65
N PHE A 9 16.13 7.24 20.90
CA PHE A 9 15.77 5.91 21.36
C PHE A 9 16.90 4.91 21.14
N GLY A 10 18.13 5.32 21.47
CA GLY A 10 19.28 4.45 21.35
C GLY A 10 19.87 4.42 19.96
N GLN A 11 19.26 5.17 19.05
CA GLN A 11 19.66 5.18 17.65
C GLN A 11 20.36 6.49 17.30
N PRO A 12 21.09 6.53 16.17
CA PRO A 12 21.68 7.80 15.72
C PRO A 12 20.63 8.91 15.62
N LEU A 13 21.03 10.13 15.94
CA LEU A 13 20.10 11.27 15.93
C LEU A 13 19.50 11.52 14.55
N GLY A 14 20.19 11.05 13.51
CA GLY A 14 19.71 11.19 12.14
C GLY A 14 18.43 10.42 11.87
N LEU A 15 18.10 9.48 12.75
CA LEU A 15 16.89 8.68 12.59
C LEU A 15 15.65 9.53 12.84
N SER A 16 15.79 10.51 13.73
CA SER A 16 14.68 11.39 14.06
C SER A 16 14.23 12.17 12.82
N THR A 17 15.20 12.61 12.03
CA THR A 17 14.93 13.33 10.79
C THR A 17 14.12 12.47 9.81
N LEU A 18 14.48 11.19 9.70
CA LEU A 18 13.78 10.27 8.79
C LEU A 18 12.46 9.78 9.38
N PHE A 19 12.42 9.68 10.70
CA PHE A 19 11.19 9.39 11.44
C PHE A 19 10.14 10.44 11.12
N MET A 20 10.53 11.71 11.25
CA MET A 20 9.64 12.83 11.01
C MET A 20 9.22 12.90 9.55
N THR A 21 10.17 12.66 8.65
CA THR A 21 9.92 12.73 7.21
C THR A 21 8.82 11.76 6.78
N GLU A 22 8.96 10.50 7.17
CA GLU A 22 8.00 9.48 6.77
C GLU A 22 6.68 9.60 7.51
N MET A 23 6.74 10.08 8.75
CA MET A 23 5.51 10.27 9.52
C MET A 23 4.60 11.27 8.82
N TRP A 24 5.18 12.36 8.32
CA TRP A 24 4.39 13.41 7.69
C TRP A 24 4.01 13.06 6.24
N GLU A 25 4.82 12.25 5.58
CA GLU A 25 4.47 11.80 4.24
C GLU A 25 3.30 10.82 4.32
N ARG A 26 3.37 9.89 5.26
CA ARG A 26 2.28 8.94 5.48
C ARG A 26 1.03 9.67 5.96
N PHE A 27 1.24 10.72 6.74
CA PHE A 27 0.14 11.60 7.16
C PHE A 27 -0.59 12.15 5.95
N SER A 28 0.18 12.70 5.00
CA SER A 28 -0.39 13.27 3.80
C SER A 28 -1.08 12.21 2.95
N TYR A 29 -0.49 11.02 2.89
CA TYR A 29 -1.00 9.96 2.02
C TYR A 29 -2.31 9.39 2.55
N TYR A 30 -2.34 9.00 3.82
CA TYR A 30 -3.53 8.37 4.37
C TYR A 30 -4.60 9.36 4.78
N GLY A 31 -4.20 10.60 5.03
CA GLY A 31 -5.16 11.67 5.28
C GLY A 31 -5.98 11.89 4.04
N MET A 32 -5.30 11.90 2.89
CA MET A 32 -5.95 12.04 1.60
C MET A 32 -6.84 10.83 1.29
N ARG A 33 -6.32 9.63 1.50
CA ARG A 33 -7.07 8.42 1.16
C ARG A 33 -8.23 8.16 2.13
N ALA A 34 -8.21 8.82 3.29
CA ALA A 34 -9.30 8.70 4.23
C ALA A 34 -10.56 9.41 3.73
N ILE A 35 -10.38 10.40 2.84
CA ILE A 35 -11.51 11.21 2.40
C ILE A 35 -11.71 11.24 0.88
N LEU A 36 -10.76 10.67 0.14
CA LEU A 36 -10.77 10.76 -1.32
C LEU A 36 -11.96 10.03 -1.94
N LEU A 37 -12.37 8.92 -1.34
CA LEU A 37 -13.51 8.17 -1.84
C LEU A 37 -14.80 8.96 -1.63
N TYR A 38 -14.98 9.46 -0.42
CA TYR A 38 -16.14 10.28 -0.07
C TYR A 38 -16.16 11.53 -0.94
N TYR A 39 -14.98 12.05 -1.25
CA TYR A 39 -14.86 13.20 -2.12
C TYR A 39 -15.37 12.89 -3.52
N MET A 40 -15.02 11.71 -4.02
CA MET A 40 -15.51 11.30 -5.34
C MET A 40 -17.01 11.08 -5.31
N TRP A 41 -17.53 10.56 -4.20
CA TRP A 41 -18.97 10.42 -4.04
C TRP A 41 -19.66 11.78 -4.13
N PHE A 42 -19.04 12.77 -3.49
CA PHE A 42 -19.57 14.14 -3.47
C PHE A 42 -19.63 14.74 -4.87
N LEU A 43 -18.57 14.55 -5.64
CA LEU A 43 -18.51 15.08 -7.00
C LEU A 43 -19.55 14.42 -7.89
N ILE A 44 -19.81 13.13 -7.65
CA ILE A 44 -20.81 12.39 -8.38
C ILE A 44 -22.21 12.90 -8.04
N SER A 45 -22.43 13.21 -6.76
CA SER A 45 -23.73 13.67 -6.30
C SER A 45 -24.09 15.04 -6.87
N THR A 46 -23.07 15.84 -7.20
CA THR A 46 -23.30 17.18 -7.73
C THR A 46 -23.24 17.20 -9.26
N GLY A 47 -23.18 16.03 -9.87
CA GLY A 47 -23.15 15.92 -11.33
C GLY A 47 -21.83 16.31 -11.94
N ASP A 48 -20.84 16.58 -11.09
CA ASP A 48 -19.53 17.00 -11.56
C ASP A 48 -18.73 15.83 -12.12
N LEU A 49 -18.82 14.69 -11.45
CA LEU A 49 -18.08 13.50 -11.84
C LEU A 49 -19.01 12.44 -12.44
N HIS A 50 -18.82 12.14 -13.72
CA HIS A 50 -19.74 11.25 -14.43
C HIS A 50 -19.29 9.80 -14.40
N ILE A 51 -19.24 9.22 -13.20
CA ILE A 51 -18.97 7.81 -13.02
C ILE A 51 -19.89 7.23 -11.96
N THR A 52 -19.91 5.90 -11.85
CA THR A 52 -20.67 5.23 -10.80
C THR A 52 -19.82 5.15 -9.53
N ARG A 53 -20.47 4.79 -8.42
CA ARG A 53 -19.75 4.62 -7.18
C ARG A 53 -18.87 3.38 -7.24
N ALA A 54 -19.32 2.38 -8.01
CA ALA A 54 -18.55 1.18 -8.24
C ALA A 54 -17.24 1.52 -8.94
N THR A 55 -17.33 2.43 -9.90
CA THR A 55 -16.15 2.88 -10.63
C THR A 55 -15.22 3.68 -9.73
N ALA A 56 -15.81 4.56 -8.92
CA ALA A 56 -15.05 5.38 -7.99
C ALA A 56 -14.22 4.52 -7.05
N ALA A 57 -14.85 3.48 -6.51
CA ALA A 57 -14.17 2.55 -5.62
C ALA A 57 -13.08 1.79 -6.36
N SER A 58 -13.32 1.51 -7.64
CA SER A 58 -12.35 0.85 -8.49
C SER A 58 -11.13 1.73 -8.70
N ILE A 59 -11.35 3.04 -8.78
CA ILE A 59 -10.27 4.01 -8.92
C ILE A 59 -9.36 3.99 -7.69
N MET A 60 -9.97 3.90 -6.51
CA MET A 60 -9.22 3.83 -5.26
C MET A 60 -8.25 2.65 -5.25
N ALA A 61 -8.73 1.50 -5.73
CA ALA A 61 -7.96 0.28 -5.72
C ALA A 61 -6.77 0.32 -6.68
N ILE A 62 -7.03 0.73 -7.91
CA ILE A 62 -5.98 0.76 -8.93
C ILE A 62 -5.01 1.92 -8.67
N TYR A 63 -5.48 2.94 -7.96
CA TYR A 63 -4.63 4.05 -7.55
C TYR A 63 -3.61 3.53 -6.55
N ALA A 64 -4.08 2.77 -5.57
CA ALA A 64 -3.20 2.10 -4.63
C ALA A 64 -2.22 1.18 -5.35
N SER A 65 -2.74 0.43 -6.31
CA SER A 65 -1.95 -0.54 -7.06
C SER A 65 -0.79 0.12 -7.80
N MET A 66 -1.05 1.28 -8.39
CA MET A 66 -0.02 2.01 -9.14
C MET A 66 1.01 2.66 -8.22
N VAL A 67 0.55 3.14 -7.07
CA VAL A 67 1.45 3.71 -6.05
C VAL A 67 2.49 2.67 -5.62
N TYR A 68 2.03 1.45 -5.39
CA TYR A 68 2.92 0.35 -5.03
C TYR A 68 3.82 -0.06 -6.19
N LEU A 69 3.32 0.09 -7.41
CA LEU A 69 4.07 -0.32 -8.60
C LEU A 69 5.25 0.63 -8.87
N SER A 70 5.03 1.93 -8.76
CA SER A 70 6.12 2.90 -8.95
C SER A 70 7.12 2.81 -7.81
N GLY A 71 6.68 2.26 -6.68
CA GLY A 71 7.55 2.07 -5.54
C GLY A 71 8.66 1.07 -5.80
N THR A 72 8.40 0.11 -6.68
CA THR A 72 9.41 -0.89 -7.01
C THR A 72 10.42 -0.37 -8.02
N ILE A 73 10.23 0.88 -8.45
CA ILE A 73 11.03 1.45 -9.53
C ILE A 73 11.90 2.61 -9.03
N GLY A 74 11.43 3.28 -7.99
CA GLY A 74 12.11 4.45 -7.46
C GLY A 74 13.50 4.18 -6.92
N GLY A 75 13.69 2.99 -6.36
CA GLY A 75 14.99 2.60 -5.83
C GLY A 75 16.04 2.58 -6.92
N PHE A 76 15.68 2.04 -8.07
CA PHE A 76 16.56 2.00 -9.23
C PHE A 76 16.94 3.41 -9.68
N VAL A 77 15.94 4.29 -9.74
CA VAL A 77 16.13 5.65 -10.23
C VAL A 77 17.12 6.42 -9.35
N ALA A 78 17.02 6.22 -8.04
CA ALA A 78 17.90 6.90 -7.11
C ALA A 78 19.31 6.33 -7.14
N ASP A 79 19.42 5.00 -7.08
CA ASP A 79 20.72 4.35 -7.03
C ASP A 79 21.55 4.55 -8.29
N ARG A 80 20.87 4.72 -9.43
CA ARG A 80 21.56 4.74 -10.72
C ARG A 80 21.59 6.11 -11.38
N ILE A 81 20.61 6.97 -11.09
CA ILE A 81 20.49 8.21 -11.86
C ILE A 81 20.54 9.51 -11.03
N ILE A 82 19.69 9.66 -10.03
CA ILE A 82 19.58 10.95 -9.34
C ILE A 82 20.13 10.98 -7.91
N GLY A 83 20.19 9.83 -7.25
CA GLY A 83 20.63 9.80 -5.86
C GLY A 83 19.45 9.68 -4.91
N ALA A 84 19.70 9.07 -3.75
CA ALA A 84 18.63 8.80 -2.79
C ALA A 84 18.08 10.06 -2.13
N ARG A 85 18.95 11.01 -1.81
CA ARG A 85 18.52 12.21 -1.08
C ARG A 85 17.72 13.19 -1.93
N PRO A 86 18.14 13.45 -3.19
CA PRO A 86 17.22 14.25 -4.00
C PRO A 86 15.98 13.47 -4.46
N ALA A 87 16.03 12.15 -4.45
CA ALA A 87 14.86 11.34 -4.79
C ALA A 87 13.74 11.57 -3.78
N VAL A 88 14.13 11.56 -2.51
CA VAL A 88 13.19 11.83 -1.43
C VAL A 88 12.64 13.23 -1.53
N PHE A 89 13.52 14.21 -1.76
CA PHE A 89 13.11 15.62 -1.80
C PHE A 89 12.13 15.89 -2.94
N TRP A 90 12.50 15.52 -4.16
CA TRP A 90 11.66 15.79 -5.32
C TRP A 90 10.43 14.89 -5.31
N GLY A 91 10.57 13.70 -4.74
CA GLY A 91 9.42 12.84 -4.50
C GLY A 91 8.44 13.54 -3.58
N GLY A 92 8.97 14.23 -2.58
CA GLY A 92 8.16 14.98 -1.64
C GLY A 92 7.47 16.17 -2.28
N VAL A 93 8.20 16.87 -3.14
CA VAL A 93 7.65 18.01 -3.87
C VAL A 93 6.46 17.57 -4.73
N LEU A 94 6.61 16.47 -5.44
CA LEU A 94 5.56 15.95 -6.30
C LEU A 94 4.33 15.52 -5.50
N ILE A 95 4.57 14.92 -4.34
CA ILE A 95 3.47 14.53 -3.46
C ILE A 95 2.72 15.76 -2.97
N MET A 96 3.47 16.76 -2.51
CA MET A 96 2.88 18.01 -2.07
C MET A 96 2.03 18.63 -3.18
N LEU A 97 2.57 18.67 -4.39
CA LEU A 97 1.87 19.22 -5.54
C LEU A 97 0.55 18.50 -5.83
N GLY A 98 0.57 17.17 -5.72
CA GLY A 98 -0.64 16.39 -5.91
C GLY A 98 -1.73 16.80 -4.95
N HIS A 99 -1.34 17.06 -3.71
CA HIS A 99 -2.28 17.51 -2.70
C HIS A 99 -2.69 18.96 -2.94
N ILE A 100 -1.74 19.77 -3.41
CA ILE A 100 -2.04 21.15 -3.80
C ILE A 100 -3.17 21.15 -4.82
N VAL A 101 -3.00 20.31 -5.84
CA VAL A 101 -3.93 20.24 -6.96
C VAL A 101 -5.37 20.00 -6.49
N LEU A 102 -5.54 19.17 -5.47
CA LEU A 102 -6.87 18.87 -4.94
C LEU A 102 -7.39 19.99 -4.03
N ALA A 103 -6.50 20.87 -3.58
CA ALA A 103 -6.89 21.96 -2.69
C ALA A 103 -7.38 23.17 -3.49
N LEU A 104 -7.02 23.20 -4.77
CA LEU A 104 -7.44 24.26 -5.67
C LEU A 104 -8.94 24.19 -5.92
N PRO A 105 -9.57 25.33 -6.28
CA PRO A 105 -11.03 25.40 -6.44
C PRO A 105 -11.60 24.54 -7.57
N PHE A 106 -10.77 23.70 -8.17
CA PHE A 106 -11.21 22.84 -9.25
C PHE A 106 -12.00 21.66 -8.68
N GLY A 107 -12.45 20.77 -9.55
CA GLY A 107 -13.24 19.63 -9.11
C GLY A 107 -12.74 18.31 -9.64
N ALA A 108 -13.57 17.65 -10.45
CA ALA A 108 -13.23 16.34 -10.98
C ALA A 108 -12.12 16.40 -12.02
N SER A 109 -11.94 17.57 -12.62
CA SER A 109 -10.94 17.76 -13.67
C SER A 109 -9.51 17.58 -13.17
N ALA A 110 -9.33 17.71 -11.86
CA ALA A 110 -7.99 17.72 -11.28
C ALA A 110 -7.63 16.38 -10.63
N LEU A 111 -8.57 15.44 -10.63
CA LEU A 111 -8.33 14.14 -10.01
C LEU A 111 -7.17 13.40 -10.65
N PHE A 112 -7.13 13.41 -11.99
CA PHE A 112 -6.11 12.68 -12.71
C PHE A 112 -4.71 13.24 -12.47
N GLY A 113 -4.58 14.55 -12.58
CA GLY A 113 -3.30 15.21 -12.35
C GLY A 113 -2.78 14.97 -10.94
N SER A 114 -3.71 14.98 -9.97
CA SER A 114 -3.35 14.73 -8.59
C SER A 114 -2.83 13.31 -8.41
N ILE A 115 -3.55 12.36 -8.96
CA ILE A 115 -3.20 10.95 -8.86
C ILE A 115 -1.83 10.64 -9.49
N ILE A 116 -1.58 11.20 -10.68
CA ILE A 116 -0.31 11.00 -11.37
C ILE A 116 0.85 11.56 -10.55
N LEU A 117 0.67 12.76 -10.00
CA LEU A 117 1.72 13.41 -9.21
C LEU A 117 2.13 12.57 -8.00
N ILE A 118 1.15 12.05 -7.28
CA ILE A 118 1.40 11.30 -6.06
C ILE A 118 1.97 9.92 -6.36
N ILE A 119 1.49 9.30 -7.43
CA ILE A 119 2.03 8.02 -7.88
C ILE A 119 3.52 8.12 -8.14
N ILE A 120 3.92 9.12 -8.92
CA ILE A 120 5.33 9.34 -9.25
C ILE A 120 6.12 9.74 -8.01
N GLY A 121 5.60 10.72 -7.27
CA GLY A 121 6.25 11.23 -6.08
C GLY A 121 6.48 10.18 -5.01
N THR A 122 5.46 9.38 -4.72
CA THR A 122 5.57 8.32 -3.73
C THR A 122 6.58 7.29 -4.18
N GLY A 123 6.59 7.01 -5.49
CA GLY A 123 7.54 6.10 -6.07
C GLY A 123 8.98 6.56 -5.83
N PHE A 124 9.20 7.86 -5.89
CA PHE A 124 10.52 8.42 -5.66
C PHE A 124 10.91 8.43 -4.19
N LEU A 125 9.94 8.79 -3.33
CA LEU A 125 10.22 9.00 -1.92
C LEU A 125 10.24 7.70 -1.11
N LYS A 126 9.17 6.92 -1.22
CA LYS A 126 8.93 5.78 -0.34
C LYS A 126 10.09 4.78 -0.24
N PRO A 127 10.61 4.27 -1.37
CA PRO A 127 11.65 3.26 -1.18
C PRO A 127 12.99 3.86 -0.74
N ASN A 128 13.20 5.14 -1.03
CA ASN A 128 14.50 5.76 -0.81
C ASN A 128 14.68 6.36 0.58
N VAL A 129 13.58 6.68 1.26
CA VAL A 129 13.66 7.08 2.65
C VAL A 129 14.13 5.89 3.48
N SER A 130 13.54 4.73 3.19
CA SER A 130 13.88 3.49 3.87
C SER A 130 15.34 3.11 3.60
N THR A 131 15.79 3.38 2.39
CA THR A 131 17.18 3.17 2.02
C THR A 131 18.10 4.03 2.89
N LEU A 132 17.69 5.27 3.11
CA LEU A 132 18.49 6.22 3.87
C LEU A 132 18.56 5.85 5.36
N VAL A 133 17.55 5.13 5.84
CA VAL A 133 17.55 4.65 7.22
C VAL A 133 18.71 3.68 7.45
N GLY A 134 18.92 2.79 6.48
CA GLY A 134 20.02 1.84 6.55
C GLY A 134 21.38 2.53 6.57
N THR A 135 21.51 3.60 5.80
CA THR A 135 22.78 4.31 5.68
C THR A 135 23.23 4.95 6.99
N LEU A 136 22.33 4.99 7.97
CA LEU A 136 22.65 5.54 9.29
C LEU A 136 23.55 4.58 10.07
N TYR A 137 23.41 3.30 9.76
CA TYR A 137 24.15 2.27 10.47
C TYR A 137 25.27 1.70 9.62
N ASP A 138 26.44 1.53 10.23
CA ASP A 138 27.50 0.77 9.58
C ASP A 138 27.07 -0.68 9.44
N GLU A 139 27.71 -1.38 8.51
CA GLU A 139 27.53 -2.82 8.38
C GLU A 139 27.75 -3.48 9.74
N HIS A 140 26.92 -4.48 10.05
CA HIS A 140 27.04 -5.27 11.28
C HIS A 140 26.77 -4.47 12.56
N ASP A 141 26.04 -3.36 12.44
CA ASP A 141 25.51 -2.67 13.62
C ASP A 141 24.25 -3.42 14.06
N ARG A 142 24.21 -3.81 15.33
CA ARG A 142 23.13 -4.65 15.84
C ARG A 142 21.86 -3.83 16.05
N ARG A 143 22.00 -2.52 16.20
CA ARG A 143 20.85 -1.64 16.43
C ARG A 143 19.92 -1.54 15.23
N ARG A 144 20.38 -2.00 14.06
CA ARG A 144 19.67 -1.84 12.80
C ARG A 144 18.19 -2.27 12.87
N ASP A 145 17.95 -3.45 13.44
CA ASP A 145 16.58 -3.95 13.58
C ASP A 145 15.73 -3.01 14.42
N ALA A 146 16.26 -2.57 15.55
CA ALA A 146 15.55 -1.65 16.43
C ALA A 146 15.28 -0.32 15.73
N GLY A 147 16.27 0.14 14.96
CA GLY A 147 16.15 1.39 14.23
C GLY A 147 15.03 1.38 13.21
N PHE A 148 14.98 0.32 12.41
CA PHE A 148 13.92 0.17 11.41
C PHE A 148 12.56 -0.01 12.10
N SER A 149 12.57 -0.61 13.28
CA SER A 149 11.35 -0.83 14.04
C SER A 149 10.77 0.48 14.56
N ILE A 150 11.65 1.41 14.93
CA ILE A 150 11.24 2.73 15.38
C ILE A 150 10.74 3.56 14.21
N PHE A 151 11.43 3.43 13.08
CA PHE A 151 11.07 4.11 11.84
C PHE A 151 9.66 3.71 11.39
N VAL A 152 9.37 2.41 11.47
CA VAL A 152 8.05 1.89 11.13
C VAL A 152 6.97 2.46 12.05
N PHE A 153 7.31 2.67 13.31
CA PHE A 153 6.39 3.23 14.29
C PHE A 153 5.95 4.63 13.89
N GLY A 154 6.88 5.40 13.32
CA GLY A 154 6.56 6.73 12.83
C GLY A 154 5.68 6.69 11.60
N ILE A 155 5.86 5.65 10.80
CA ILE A 155 5.01 5.43 9.63
C ILE A 155 3.57 5.17 10.07
N ASN A 156 3.41 4.26 11.02
CA ASN A 156 2.10 3.92 11.54
C ASN A 156 1.44 5.08 12.29
N LEU A 157 2.26 5.87 12.97
CA LEU A 157 1.78 7.01 13.74
C LEU A 157 1.20 8.09 12.85
N GLY A 158 1.90 8.37 11.76
CA GLY A 158 1.43 9.36 10.79
C GLY A 158 0.18 8.90 10.09
N ALA A 159 0.05 7.59 9.94
CA ALA A 159 -1.13 7.00 9.31
C ALA A 159 -2.31 6.96 10.27
N PHE A 160 -2.04 7.08 11.57
CA PHE A 160 -3.07 7.02 12.59
C PHE A 160 -3.75 8.37 12.83
N ILE A 161 -2.94 9.42 12.98
CA ILE A 161 -3.47 10.74 13.28
C ILE A 161 -4.06 11.44 12.06
N ALA A 162 -3.66 11.01 10.86
CA ALA A 162 -4.10 11.67 9.63
C ALA A 162 -5.62 11.62 9.40
N PRO A 163 -6.24 10.43 9.48
CA PRO A 163 -7.69 10.45 9.24
C PRO A 163 -8.45 11.23 10.32
N LEU A 164 -7.93 11.22 11.54
CA LEU A 164 -8.56 11.94 12.63
C LEU A 164 -8.55 13.44 12.36
N ILE A 165 -7.38 13.94 11.96
CA ILE A 165 -7.18 15.37 11.75
C ILE A 165 -7.75 15.85 10.41
N VAL A 166 -7.43 15.14 9.34
CA VAL A 166 -7.93 15.49 8.02
C VAL A 166 -9.45 15.29 7.93
N GLY A 167 -9.95 14.22 8.56
CA GLY A 167 -11.38 13.96 8.58
C GLY A 167 -12.17 15.01 9.34
N ALA A 168 -11.60 15.49 10.44
CA ALA A 168 -12.22 16.56 11.22
C ALA A 168 -12.24 17.85 10.43
N ALA A 169 -11.13 18.14 9.76
CA ALA A 169 -11.00 19.34 8.94
C ALA A 169 -12.02 19.36 7.81
N GLN A 170 -12.25 18.19 7.20
CA GLN A 170 -13.22 18.08 6.12
C GLN A 170 -14.61 18.41 6.65
N GLU A 171 -14.94 17.88 7.81
CA GLU A 171 -16.24 18.12 8.43
C GLU A 171 -16.40 19.59 8.79
N ALA A 172 -15.30 20.22 9.20
CA ALA A 172 -15.33 21.60 9.64
C ALA A 172 -15.31 22.60 8.48
N ALA A 173 -14.39 22.41 7.54
CA ALA A 173 -14.14 23.43 6.53
C ALA A 173 -14.21 22.91 5.08
N GLY A 174 -14.60 21.65 4.92
CA GLY A 174 -14.80 21.10 3.58
C GLY A 174 -13.60 20.38 3.02
N TYR A 175 -13.74 19.85 1.81
CA TYR A 175 -12.73 18.99 1.20
C TYR A 175 -11.45 19.72 0.81
N HIS A 176 -11.60 20.87 0.16
CA HIS A 176 -10.45 21.64 -0.32
C HIS A 176 -9.51 22.06 0.82
N VAL A 177 -10.07 22.42 1.96
CA VAL A 177 -9.25 22.74 3.13
C VAL A 177 -8.60 21.49 3.70
N ALA A 178 -9.37 20.41 3.81
CA ALA A 178 -8.86 19.13 4.30
C ALA A 178 -7.70 18.63 3.44
N PHE A 179 -7.85 18.73 2.13
CA PHE A 179 -6.80 18.32 1.21
C PHE A 179 -5.56 19.21 1.34
N SER A 180 -5.79 20.47 1.66
CA SER A 180 -4.68 21.41 1.82
C SER A 180 -3.89 21.08 3.08
N LEU A 181 -4.55 20.46 4.06
CA LEU A 181 -3.87 20.03 5.27
C LEU A 181 -2.96 18.84 5.01
N ALA A 182 -3.35 17.98 4.07
CA ALA A 182 -2.46 16.90 3.64
C ALA A 182 -1.25 17.51 2.95
N ALA A 183 -1.48 18.53 2.13
CA ALA A 183 -0.42 19.23 1.45
C ALA A 183 0.55 19.86 2.44
N ILE A 184 -0.01 20.54 3.43
CA ILE A 184 0.77 21.16 4.51
C ILE A 184 1.59 20.11 5.26
N GLY A 185 0.98 18.94 5.47
CA GLY A 185 1.65 17.83 6.13
C GLY A 185 2.93 17.40 5.44
N MET A 186 2.85 17.22 4.11
CA MET A 186 4.02 16.84 3.33
C MET A 186 5.06 17.95 3.34
N PHE A 187 4.59 19.19 3.37
CA PHE A 187 5.46 20.35 3.43
C PHE A 187 6.27 20.37 4.72
N ILE A 188 5.62 20.05 5.83
CA ILE A 188 6.30 19.92 7.11
C ILE A 188 7.38 18.85 7.00
N GLY A 189 7.04 17.74 6.35
CA GLY A 189 7.97 16.65 6.14
C GLY A 189 9.18 17.10 5.34
N LEU A 190 8.95 17.92 4.33
CA LEU A 190 10.03 18.46 3.51
C LEU A 190 10.93 19.40 4.30
N LEU A 191 10.32 20.24 5.14
CA LEU A 191 11.08 21.17 5.98
C LEU A 191 12.05 20.45 6.89
N VAL A 192 11.53 19.49 7.65
CA VAL A 192 12.34 18.72 8.57
C VAL A 192 13.37 17.88 7.82
N TYR A 193 12.98 17.37 6.66
CA TYR A 193 13.87 16.54 5.87
C TYR A 193 15.04 17.32 5.27
N TYR A 194 14.74 18.48 4.68
CA TYR A 194 15.77 19.27 4.03
C TYR A 194 16.80 19.79 5.04
N PHE A 195 16.33 20.57 6.02
CA PHE A 195 17.22 21.18 6.99
C PHE A 195 17.78 20.18 7.99
N GLY A 196 17.09 19.06 8.17
CA GLY A 196 17.56 18.02 9.07
C GLY A 196 18.57 17.09 8.43
N GLY A 197 18.42 16.89 7.12
CA GLY A 197 19.30 16.02 6.37
C GLY A 197 20.71 16.58 6.21
N LYS A 198 20.80 17.88 5.97
CA LYS A 198 22.09 18.56 5.85
C LYS A 198 22.98 18.34 7.08
N LYS A 199 22.34 18.15 8.22
CA LYS A 199 23.05 18.05 9.49
C LYS A 199 23.58 16.65 9.74
N THR A 200 22.82 15.63 9.35
CA THR A 200 23.09 14.27 9.81
C THR A 200 23.26 13.22 8.71
N LEU A 201 22.75 13.49 7.51
CA LEU A 201 22.83 12.52 6.43
C LEU A 201 24.17 12.60 5.69
N ASP A 202 24.67 11.45 5.26
CA ASP A 202 25.93 11.37 4.52
C ASP A 202 25.78 12.00 3.14
N PRO A 203 26.66 12.97 2.82
CA PRO A 203 26.70 13.66 1.52
C PRO A 203 26.85 12.70 0.34
N HIS A 204 27.34 11.50 0.61
CA HIS A 204 27.51 10.47 -0.41
C HIS A 204 26.21 10.20 -1.17
N TYR A 205 25.08 10.32 -0.47
CA TYR A 205 23.79 9.97 -1.05
C TYR A 205 23.09 11.16 -1.68
N LEU A 206 23.85 12.22 -1.95
CA LEU A 206 23.36 13.33 -2.76
C LEU A 206 23.52 13.00 -4.23
N ARG A 207 24.31 11.96 -4.50
CA ARG A 207 24.55 11.49 -5.86
C ARG A 207 24.23 9.99 -5.92
N PRO A 208 23.99 9.47 -7.14
CA PRO A 208 23.77 8.02 -7.29
C PRO A 208 24.98 7.19 -6.89
N THR A 209 24.73 6.07 -6.21
CA THR A 209 25.80 5.20 -5.72
C THR A 209 26.32 4.24 -6.79
N ASP A 210 25.43 3.77 -7.66
CA ASP A 210 25.82 2.95 -8.81
C ASP A 210 25.44 3.66 -10.10
N PRO A 211 26.10 4.78 -10.41
CA PRO A 211 25.73 5.57 -11.59
C PRO A 211 25.96 4.80 -12.88
N LEU A 212 25.17 5.10 -13.90
CA LEU A 212 25.28 4.44 -15.19
C LEU A 212 26.68 4.55 -15.77
N ALA A 213 27.18 3.46 -16.34
CA ALA A 213 28.41 3.50 -17.11
C ALA A 213 28.08 4.08 -18.49
N PRO A 214 29.07 4.71 -19.14
CA PRO A 214 28.83 5.35 -20.44
C PRO A 214 28.20 4.42 -21.49
N GLU A 215 28.49 3.14 -21.42
CA GLU A 215 27.91 2.17 -22.35
C GLU A 215 26.54 1.67 -21.92
N GLU A 216 26.13 2.00 -20.70
CA GLU A 216 24.85 1.55 -20.16
C GLU A 216 23.69 2.48 -20.55
N VAL A 217 24.01 3.73 -20.85
CA VAL A 217 23.00 4.76 -21.09
C VAL A 217 22.09 4.44 -22.28
N LYS A 218 22.67 4.12 -23.44
CA LYS A 218 21.87 3.88 -24.64
C LYS A 218 20.89 2.70 -24.51
N PRO A 219 21.35 1.51 -24.05
CA PRO A 219 20.37 0.43 -23.95
C PRO A 219 19.25 0.69 -22.95
N LEU A 220 19.54 1.46 -21.89
CA LEU A 220 18.51 1.86 -20.94
C LEU A 220 17.48 2.76 -21.62
N LEU A 221 17.97 3.73 -22.38
CA LEU A 221 17.11 4.64 -23.12
C LEU A 221 16.26 3.86 -24.12
N VAL A 222 16.90 2.91 -24.79
CA VAL A 222 16.21 2.02 -25.73
C VAL A 222 15.11 1.26 -25.00
N LYS A 223 15.45 0.73 -23.83
CA LYS A 223 14.51 -0.07 -23.05
C LYS A 223 13.27 0.71 -22.62
N VAL A 224 13.47 1.91 -22.07
CA VAL A 224 12.34 2.68 -21.56
C VAL A 224 11.49 3.26 -22.68
N SER A 225 12.11 3.53 -23.83
CA SER A 225 11.41 4.17 -24.94
C SER A 225 10.53 3.15 -25.68
N LEU A 226 10.97 1.90 -25.71
CA LEU A 226 10.17 0.81 -26.27
C LEU A 226 8.92 0.58 -25.44
N ALA A 227 9.09 0.57 -24.12
CA ALA A 227 7.98 0.36 -23.20
C ALA A 227 6.92 1.45 -23.36
N VAL A 228 7.37 2.69 -23.44
CA VAL A 228 6.46 3.82 -23.63
C VAL A 228 5.74 3.70 -24.97
N ALA A 229 6.51 3.42 -26.02
CA ALA A 229 5.97 3.29 -27.37
C ALA A 229 4.88 2.22 -27.42
N GLY A 230 5.15 1.07 -26.82
CA GLY A 230 4.20 -0.02 -26.77
C GLY A 230 2.96 0.35 -25.98
N PHE A 231 3.17 0.94 -24.81
CA PHE A 231 2.07 1.38 -23.95
C PHE A 231 1.18 2.37 -24.69
N ILE A 232 1.81 3.30 -25.40
CA ILE A 232 1.09 4.28 -26.21
C ILE A 232 0.32 3.59 -27.34
N ALA A 233 0.98 2.63 -27.98
CA ALA A 233 0.38 1.89 -29.08
C ALA A 233 -0.88 1.15 -28.64
N ILE A 234 -0.79 0.48 -27.49
CA ILE A 234 -1.93 -0.22 -26.91
C ILE A 234 -3.09 0.73 -26.66
N ILE A 235 -2.80 1.89 -26.10
CA ILE A 235 -3.81 2.91 -25.82
C ILE A 235 -4.41 3.44 -27.13
N VAL A 236 -3.60 3.46 -28.18
CA VAL A 236 -4.07 3.90 -29.50
C VAL A 236 -5.10 2.91 -30.07
N VAL A 237 -4.76 1.63 -30.04
CA VAL A 237 -5.65 0.59 -30.55
C VAL A 237 -6.97 0.55 -29.79
N MET A 238 -6.89 0.61 -28.47
CA MET A 238 -8.08 0.60 -27.62
C MET A 238 -9.09 1.64 -28.05
N ASN A 239 -8.62 2.87 -28.27
CA ASN A 239 -9.49 3.96 -28.68
C ASN A 239 -10.04 3.77 -30.09
N LEU A 240 -9.31 3.03 -30.91
CA LEU A 240 -9.75 2.73 -32.27
C LEU A 240 -10.90 1.72 -32.27
N VAL A 241 -10.79 0.70 -31.43
CA VAL A 241 -11.80 -0.36 -31.37
C VAL A 241 -12.92 -0.01 -30.41
N GLY A 242 -12.81 1.15 -29.77
CA GLY A 242 -13.88 1.66 -28.92
C GLY A 242 -13.83 1.25 -27.46
N TRP A 243 -12.66 0.81 -27.01
CA TRP A 243 -12.47 0.46 -25.60
C TRP A 243 -11.83 1.63 -24.86
N ASN A 244 -12.53 2.74 -24.81
CA ASN A 244 -11.96 3.99 -24.31
C ASN A 244 -12.70 4.59 -23.12
N SER A 245 -13.37 3.74 -22.35
CA SER A 245 -14.03 4.20 -21.13
C SER A 245 -13.07 4.09 -19.95
N LEU A 246 -13.42 4.76 -18.85
CA LEU A 246 -12.63 4.67 -17.63
C LEU A 246 -12.48 3.22 -17.13
N PRO A 247 -13.59 2.44 -17.12
CA PRO A 247 -13.41 1.03 -16.78
C PRO A 247 -12.40 0.29 -17.68
N ALA A 248 -12.34 0.68 -18.95
CA ALA A 248 -11.41 0.06 -19.89
C ALA A 248 -9.95 0.32 -19.52
N TYR A 249 -9.64 1.58 -19.21
CA TYR A 249 -8.29 1.95 -18.81
C TYR A 249 -7.92 1.29 -17.49
N ILE A 250 -8.87 1.23 -16.57
CA ILE A 250 -8.66 0.57 -15.28
C ILE A 250 -8.34 -0.90 -15.52
N ASN A 251 -9.03 -1.51 -16.48
CA ASN A 251 -8.78 -2.89 -16.87
C ASN A 251 -7.37 -3.05 -17.44
N LEU A 252 -6.94 -2.07 -18.24
CA LEU A 252 -5.60 -2.08 -18.82
C LEU A 252 -4.51 -2.08 -17.74
N LEU A 253 -4.64 -1.16 -16.78
CA LEU A 253 -3.67 -1.08 -15.70
C LEU A 253 -3.70 -2.33 -14.81
N THR A 254 -4.89 -2.91 -14.67
CA THR A 254 -5.04 -4.17 -13.96
C THR A 254 -4.22 -5.25 -14.65
N ILE A 255 -4.37 -5.32 -15.98
CA ILE A 255 -3.65 -6.29 -16.79
C ILE A 255 -2.14 -6.11 -16.65
N VAL A 256 -1.67 -4.87 -16.77
CA VAL A 256 -0.27 -4.56 -16.61
C VAL A 256 0.25 -4.99 -15.25
N ALA A 257 -0.53 -4.68 -14.21
CA ALA A 257 -0.13 -4.97 -12.83
C ALA A 257 0.00 -6.47 -12.57
N ILE A 258 -0.80 -7.27 -13.26
CA ILE A 258 -0.77 -8.73 -13.08
C ILE A 258 0.20 -9.38 -14.05
N ALA A 259 0.35 -8.80 -15.24
CA ALA A 259 1.25 -9.35 -16.24
C ALA A 259 2.70 -9.32 -15.79
N ILE A 260 3.09 -8.27 -15.05
CA ILE A 260 4.48 -8.11 -14.62
C ILE A 260 4.96 -9.28 -13.75
N PRO A 261 4.18 -9.68 -12.72
CA PRO A 261 4.64 -10.87 -12.00
C PRO A 261 4.47 -12.16 -12.79
N VAL A 262 3.44 -12.24 -13.62
CA VAL A 262 3.21 -13.43 -14.43
C VAL A 262 4.37 -13.69 -15.38
N PHE A 263 4.87 -12.62 -15.99
CA PHE A 263 6.03 -12.72 -16.86
C PHE A 263 7.28 -13.16 -16.09
N TYR A 264 7.50 -12.56 -14.93
CA TYR A 264 8.66 -12.90 -14.11
C TYR A 264 8.65 -14.37 -13.67
N PHE A 265 7.47 -14.87 -13.34
CA PHE A 265 7.34 -16.28 -12.97
C PHE A 265 7.60 -17.21 -14.17
N ALA A 266 7.00 -16.89 -15.32
CA ALA A 266 7.26 -17.64 -16.55
C ALA A 266 8.73 -17.53 -16.95
N TRP A 267 9.33 -16.39 -16.65
CA TRP A 267 10.74 -16.13 -16.99
C TRP A 267 11.69 -16.96 -16.14
N MET A 268 11.44 -17.04 -14.84
CA MET A 268 12.26 -17.83 -13.93
C MET A 268 12.09 -19.34 -14.13
N ILE A 269 10.84 -19.79 -14.17
CA ILE A 269 10.51 -21.21 -14.31
C ILE A 269 11.07 -21.78 -15.62
N SER A 270 11.20 -20.94 -16.64
CA SER A 270 11.74 -21.36 -17.93
C SER A 270 13.26 -21.50 -17.88
N SER A 271 13.92 -20.52 -17.25
CA SER A 271 15.38 -20.53 -17.16
C SER A 271 15.87 -21.39 -16.00
N SER A 276 17.94 -26.86 -11.59
CA SER A 276 16.88 -27.85 -11.45
C SER A 276 16.36 -27.89 -10.02
N THR A 277 17.28 -27.87 -9.06
CA THR A 277 16.93 -27.83 -7.66
C THR A 277 16.46 -26.43 -7.31
N GLU A 278 17.16 -25.43 -7.83
CA GLU A 278 16.76 -24.03 -7.70
C GLU A 278 15.33 -23.85 -8.18
N HIS A 279 15.02 -24.51 -9.30
CA HIS A 279 13.73 -24.39 -9.97
C HIS A 279 12.53 -24.69 -9.08
N LEU A 280 12.57 -25.84 -8.39
CA LEU A 280 11.44 -26.28 -7.58
C LEU A 280 11.00 -25.24 -6.57
N ARG A 281 11.96 -24.49 -6.02
CA ARG A 281 11.65 -23.43 -5.07
C ARG A 281 10.92 -22.26 -5.74
N VAL A 282 11.32 -21.93 -6.97
CA VAL A 282 10.65 -20.90 -7.74
C VAL A 282 9.19 -21.27 -7.98
N VAL A 283 8.95 -22.54 -8.26
CA VAL A 283 7.60 -23.07 -8.37
C VAL A 283 6.93 -23.08 -7.00
N SER A 284 7.75 -23.31 -5.98
CA SER A 284 7.30 -23.45 -4.61
C SER A 284 6.80 -22.13 -4.02
N TYR A 285 7.25 -21.02 -4.60
CA TYR A 285 6.92 -19.69 -4.10
C TYR A 285 5.54 -19.24 -4.56
N ILE A 286 5.05 -19.83 -5.64
CA ILE A 286 3.77 -19.45 -6.24
C ILE A 286 2.60 -19.48 -5.25
N PRO A 287 2.42 -20.59 -4.48
CA PRO A 287 1.31 -20.55 -3.54
C PRO A 287 1.47 -19.48 -2.45
N LEU A 288 2.72 -19.19 -2.06
CA LEU A 288 2.99 -18.12 -1.11
C LEU A 288 2.64 -16.77 -1.71
N PHE A 289 3.04 -16.55 -2.95
CA PHE A 289 2.77 -15.31 -3.65
C PHE A 289 1.27 -15.12 -3.88
N ILE A 290 0.57 -16.24 -4.11
CA ILE A 290 -0.88 -16.22 -4.21
C ILE A 290 -1.49 -15.82 -2.87
N ALA A 291 -0.96 -16.38 -1.79
CA ALA A 291 -1.44 -16.09 -0.45
C ALA A 291 -1.20 -14.64 -0.08
N ALA A 292 -0.08 -14.10 -0.57
CA ALA A 292 0.27 -12.71 -0.29
C ALA A 292 -0.68 -11.74 -1.00
N VAL A 293 -0.91 -11.98 -2.28
CA VAL A 293 -1.81 -11.17 -3.08
C VAL A 293 -3.21 -11.11 -2.47
N LEU A 294 -3.72 -12.27 -2.09
CA LEU A 294 -5.05 -12.37 -1.50
C LEU A 294 -5.15 -11.64 -0.17
N PHE A 295 -4.12 -11.79 0.69
CA PHE A 295 -4.14 -11.08 1.95
C PHE A 295 -4.16 -9.58 1.72
N TRP A 296 -3.28 -9.11 0.85
CA TRP A 296 -3.20 -7.68 0.56
C TRP A 296 -4.49 -7.17 -0.05
N ALA A 297 -5.12 -7.99 -0.91
CA ALA A 297 -6.41 -7.65 -1.49
C ALA A 297 -7.43 -7.30 -0.41
N ILE A 298 -7.62 -8.22 0.53
CA ILE A 298 -8.57 -8.01 1.63
C ILE A 298 -8.16 -6.82 2.50
N GLU A 299 -6.86 -6.75 2.78
CA GLU A 299 -6.32 -5.70 3.63
C GLU A 299 -6.44 -4.32 2.96
N GLU A 300 -6.24 -4.26 1.65
CA GLU A 300 -6.36 -3.00 0.91
C GLU A 300 -7.81 -2.55 0.77
N GLN A 301 -8.75 -3.48 0.94
CA GLN A 301 -10.17 -3.16 0.79
C GLN A 301 -10.72 -2.39 2.00
N GLY A 302 -9.91 -2.26 3.04
CA GLY A 302 -10.30 -1.54 4.24
C GLY A 302 -10.58 -0.08 3.97
N SER A 303 -9.86 0.47 3.00
CA SER A 303 -10.01 1.88 2.64
C SER A 303 -11.02 2.07 1.52
N VAL A 304 -11.63 0.97 1.07
CA VAL A 304 -12.58 1.03 -0.03
C VAL A 304 -13.94 0.43 0.36
N VAL A 305 -14.00 -0.89 0.48
CA VAL A 305 -15.25 -1.58 0.84
C VAL A 305 -15.68 -1.26 2.27
N LEU A 306 -14.77 -1.40 3.22
CA LEU A 306 -15.09 -1.11 4.61
C LEU A 306 -15.37 0.38 4.80
N ALA A 307 -14.72 1.21 3.98
CA ALA A 307 -14.97 2.65 4.00
C ALA A 307 -16.40 2.93 3.53
N THR A 308 -16.84 2.19 2.53
CA THR A 308 -18.21 2.26 2.06
C THR A 308 -19.17 1.77 3.14
N PHE A 309 -18.84 0.63 3.74
CA PHE A 309 -19.67 0.04 4.79
C PHE A 309 -19.79 1.00 5.98
N ALA A 310 -18.70 1.64 6.33
CA ALA A 310 -18.70 2.60 7.43
C ALA A 310 -19.63 3.78 7.13
N ALA A 311 -19.65 4.23 5.87
CA ALA A 311 -20.41 5.41 5.48
C ALA A 311 -21.90 5.13 5.26
N GLU A 312 -22.25 3.86 5.05
CA GLU A 312 -23.62 3.53 4.67
C GLU A 312 -24.33 2.58 5.64
N ARG A 313 -23.58 1.79 6.39
CA ARG A 313 -24.18 0.75 7.22
C ARG A 313 -23.92 0.91 8.73
N VAL A 314 -23.29 2.00 9.14
CA VAL A 314 -22.91 2.17 10.56
C VAL A 314 -23.53 3.41 11.20
N ASP A 315 -23.96 3.26 12.47
CA ASP A 315 -24.35 4.41 13.29
C ASP A 315 -23.15 5.30 13.57
N SER A 316 -22.80 6.17 12.64
CA SER A 316 -21.67 7.06 12.80
C SER A 316 -22.08 8.52 12.65
N SER A 317 -23.22 8.87 13.23
CA SER A 317 -23.77 10.22 13.09
C SER A 317 -23.01 11.25 13.91
N TRP A 318 -22.33 10.78 14.96
CA TRP A 318 -21.70 11.68 15.92
C TRP A 318 -20.19 11.88 15.69
N PHE A 319 -19.62 11.20 14.71
CA PHE A 319 -18.20 11.35 14.42
C PHE A 319 -17.91 11.15 12.93
N PRO A 320 -16.88 11.83 12.41
CA PRO A 320 -16.50 11.71 11.00
C PRO A 320 -16.18 10.27 10.64
N VAL A 321 -16.90 9.75 9.65
CA VAL A 321 -16.83 8.33 9.31
C VAL A 321 -15.44 7.93 8.81
N SER A 322 -14.69 8.90 8.29
CA SER A 322 -13.34 8.64 7.82
C SER A 322 -12.39 8.22 8.95
N TRP A 323 -12.77 8.53 10.20
CA TRP A 323 -11.96 8.16 11.36
C TRP A 323 -11.74 6.65 11.51
N PHE A 324 -12.59 5.86 10.87
CA PHE A 324 -12.46 4.40 10.89
C PHE A 324 -11.14 3.94 10.28
N GLN A 325 -10.60 4.76 9.37
CA GLN A 325 -9.33 4.43 8.72
C GLN A 325 -8.14 4.50 9.67
N SER A 326 -8.37 4.96 10.89
CA SER A 326 -7.30 5.03 11.89
C SER A 326 -7.13 3.70 12.62
N LEU A 327 -8.14 2.84 12.53
CA LEU A 327 -8.12 1.57 13.23
C LEU A 327 -7.02 0.65 12.72
N ASN A 328 -6.79 0.69 11.41
CA ASN A 328 -5.75 -0.13 10.79
C ASN A 328 -4.36 0.17 11.40
N PRO A 329 -3.88 1.43 11.34
CA PRO A 329 -2.56 1.63 11.94
C PRO A 329 -2.56 1.62 13.47
N LEU A 330 -3.73 1.78 14.07
CA LEU A 330 -3.85 1.69 15.53
C LEU A 330 -3.56 0.28 16.02
N PHE A 331 -4.19 -0.69 15.37
CA PHE A 331 -4.02 -2.09 15.76
C PHE A 331 -2.63 -2.60 15.43
N ILE A 332 -2.03 -2.06 14.38
CA ILE A 332 -0.65 -2.39 14.04
C ILE A 332 0.26 -1.97 15.18
N MET A 333 0.04 -0.77 15.71
CA MET A 333 0.85 -0.25 16.80
C MET A 333 0.62 -0.98 18.11
N LEU A 334 -0.61 -1.45 18.33
CA LEU A 334 -0.92 -2.19 19.55
C LEU A 334 -0.33 -3.59 19.51
N TYR A 335 -0.53 -4.27 18.39
CA TYR A 335 -0.05 -5.63 18.20
C TYR A 335 1.48 -5.74 18.17
N THR A 336 2.14 -4.72 17.62
CA THR A 336 3.57 -4.79 17.31
C THR A 336 4.47 -5.15 18.50
N PRO A 337 4.37 -4.42 19.63
CA PRO A 337 5.28 -4.79 20.73
C PRO A 337 4.93 -6.14 21.34
N PHE A 338 3.73 -6.63 21.07
CA PHE A 338 3.32 -7.95 21.53
C PHE A 338 4.06 -9.03 20.74
N PHE A 339 3.91 -8.97 19.41
CA PHE A 339 4.52 -9.96 18.54
C PHE A 339 6.04 -9.87 18.59
N ALA A 340 6.56 -8.71 18.93
CA ALA A 340 7.99 -8.54 19.14
C ALA A 340 8.44 -9.47 20.27
N TRP A 341 7.78 -9.33 21.41
CA TRP A 341 8.00 -10.22 22.55
C TRP A 341 7.75 -11.68 22.20
N LEU A 342 6.69 -11.91 21.43
CA LEU A 342 6.22 -13.26 21.15
C LEU A 342 7.26 -14.10 20.40
N TRP A 343 7.69 -13.64 19.23
CA TRP A 343 8.61 -14.42 18.42
C TRP A 343 9.94 -14.65 19.13
N THR A 344 10.28 -13.76 20.06
CA THR A 344 11.44 -13.94 20.91
C THR A 344 11.18 -15.04 21.95
N ALA A 345 10.16 -14.83 22.78
CA ALA A 345 9.82 -15.77 23.86
C ALA A 345 9.47 -17.15 23.31
N TRP A 346 8.92 -17.19 22.10
CA TRP A 346 8.57 -18.46 21.46
C TRP A 346 9.81 -19.07 20.83
N LYS A 347 10.61 -19.75 21.65
CA LYS A 347 11.88 -20.31 21.20
C LYS A 347 11.73 -21.74 20.70
N LYS A 348 10.92 -22.53 21.39
CA LYS A 348 10.97 -23.97 21.23
C LYS A 348 10.46 -24.41 19.85
N ASN A 349 9.16 -24.33 19.62
CA ASN A 349 8.61 -24.69 18.30
C ASN A 349 7.75 -23.59 17.67
N GLN A 350 8.41 -22.48 17.33
CA GLN A 350 7.82 -21.41 16.53
C GLN A 350 7.43 -21.92 15.14
N PRO A 351 6.25 -21.50 14.64
CA PRO A 351 5.78 -21.94 13.32
C PRO A 351 6.69 -21.45 12.19
N SER A 352 6.67 -22.16 11.06
CA SER A 352 7.50 -21.79 9.92
C SER A 352 6.91 -20.59 9.19
N SER A 353 7.71 -20.00 8.30
CA SER A 353 7.28 -18.84 7.53
C SER A 353 6.08 -19.11 6.61
N PRO A 354 6.03 -20.27 5.93
CA PRO A 354 4.82 -20.53 5.14
C PRO A 354 3.56 -20.78 5.98
N THR A 355 3.72 -21.29 7.21
CA THR A 355 2.57 -21.47 8.08
C THR A 355 1.97 -20.12 8.46
N LYS A 356 2.85 -19.16 8.76
CA LYS A 356 2.43 -17.79 9.06
C LYS A 356 1.63 -17.22 7.90
N PHE A 357 2.14 -17.40 6.69
CA PHE A 357 1.44 -17.03 5.47
C PHE A 357 0.04 -17.63 5.44
N ALA A 358 -0.03 -18.92 5.78
CA ALA A 358 -1.31 -19.64 5.76
C ALA A 358 -2.28 -19.08 6.79
N VAL A 359 -1.87 -19.10 8.06
CA VAL A 359 -2.71 -18.65 9.15
C VAL A 359 -3.08 -17.17 8.99
N GLY A 360 -2.15 -16.39 8.44
CA GLY A 360 -2.39 -14.98 8.19
C GLY A 360 -3.52 -14.75 7.22
N LEU A 361 -3.56 -15.54 6.15
CA LEU A 361 -4.62 -15.41 5.15
C LEU A 361 -5.97 -15.84 5.71
N MET A 362 -5.96 -16.83 6.59
CA MET A 362 -7.18 -17.31 7.22
C MET A 362 -7.78 -16.22 8.10
N PHE A 363 -6.92 -15.49 8.81
CA PHE A 363 -7.34 -14.40 9.67
C PHE A 363 -7.97 -13.27 8.86
N ALA A 364 -7.34 -12.93 7.74
CA ALA A 364 -7.90 -11.96 6.82
C ALA A 364 -9.25 -12.45 6.30
N GLY A 365 -9.34 -13.76 6.10
CA GLY A 365 -10.57 -14.38 5.64
C GLY A 365 -11.64 -14.33 6.71
N LEU A 366 -11.23 -14.48 7.97
CA LEU A 366 -12.16 -14.39 9.10
C LEU A 366 -12.69 -12.98 9.28
N SER A 367 -11.89 -11.99 8.89
CA SER A 367 -12.28 -10.59 9.01
C SER A 367 -13.46 -10.27 8.09
N PHE A 368 -13.51 -10.93 6.94
CA PHE A 368 -14.62 -10.74 6.02
C PHE A 368 -15.83 -11.58 6.42
N LEU A 369 -15.56 -12.80 6.91
CA LEU A 369 -16.63 -13.66 7.39
C LEU A 369 -17.39 -12.98 8.52
N LEU A 370 -16.65 -12.33 9.39
CA LEU A 370 -17.24 -11.57 10.49
C LEU A 370 -18.23 -10.52 9.99
N MET A 371 -17.84 -9.82 8.93
CA MET A 371 -18.66 -8.74 8.39
C MET A 371 -19.91 -9.24 7.66
N ALA A 372 -20.00 -10.55 7.44
CA ALA A 372 -21.16 -11.13 6.79
C ALA A 372 -22.30 -11.35 7.79
N ILE A 373 -21.95 -11.48 9.06
CA ILE A 373 -22.92 -11.76 10.11
C ILE A 373 -24.00 -10.67 10.28
N PRO A 374 -23.59 -9.38 10.43
CA PRO A 374 -24.64 -8.38 10.72
C PRO A 374 -25.71 -8.26 9.63
N GLY A 375 -25.33 -8.44 8.37
CA GLY A 375 -26.29 -8.37 7.28
C GLY A 375 -27.20 -9.58 7.22
N ALA A 376 -26.66 -10.73 7.58
CA ALA A 376 -27.42 -11.98 7.59
C ALA A 376 -28.38 -12.02 8.76
N LEU A 377 -27.99 -11.36 9.84
CA LEU A 377 -28.76 -11.40 11.07
C LEU A 377 -29.76 -10.24 11.19
N TYR A 378 -29.36 -9.04 10.78
CA TYR A 378 -30.19 -7.85 10.96
C TYR A 378 -30.78 -7.32 9.66
N GLY A 379 -30.28 -7.80 8.54
CA GLY A 379 -30.65 -7.25 7.25
C GLY A 379 -29.65 -6.20 6.83
N THR A 380 -29.72 -5.77 5.57
CA THR A 380 -28.75 -4.81 5.04
C THR A 380 -29.36 -3.46 4.71
N SER A 381 -30.51 -3.16 5.31
CA SER A 381 -31.18 -1.88 5.08
C SER A 381 -31.01 -0.93 6.27
N GLY A 382 -30.69 -1.50 7.43
CA GLY A 382 -30.50 -0.71 8.63
C GLY A 382 -29.04 -0.38 8.86
N LYS A 383 -28.72 0.03 10.08
CA LYS A 383 -27.34 0.33 10.44
C LYS A 383 -26.94 -0.43 11.69
N VAL A 384 -25.66 -0.83 11.76
CA VAL A 384 -25.16 -1.65 12.85
C VAL A 384 -24.09 -0.92 13.64
N SER A 385 -23.66 -1.52 14.75
CA SER A 385 -22.71 -0.86 15.62
C SER A 385 -21.31 -0.80 15.00
N PRO A 386 -20.58 0.30 15.28
CA PRO A 386 -19.18 0.49 14.87
C PRO A 386 -18.28 -0.71 15.22
N LEU A 387 -18.64 -1.46 16.25
CA LEU A 387 -17.80 -2.54 16.76
C LEU A 387 -17.58 -3.68 15.78
N TRP A 388 -18.50 -3.86 14.83
CA TRP A 388 -18.33 -4.88 13.80
C TRP A 388 -17.08 -4.61 12.97
N LEU A 389 -16.85 -3.33 12.66
CA LEU A 389 -15.66 -2.92 11.92
C LEU A 389 -14.41 -2.98 12.77
N VAL A 390 -14.56 -2.65 14.05
CA VAL A 390 -13.45 -2.74 14.99
C VAL A 390 -12.93 -4.18 15.05
N GLY A 391 -13.85 -5.12 15.11
CA GLY A 391 -13.50 -6.53 15.14
C GLY A 391 -12.85 -6.99 13.86
N SER A 392 -13.36 -6.49 12.74
CA SER A 392 -12.87 -6.88 11.42
C SER A 392 -11.41 -6.46 11.22
N TRP A 393 -11.11 -5.21 11.54
CA TRP A 393 -9.74 -4.71 11.43
C TRP A 393 -8.81 -5.35 12.45
N ALA A 394 -9.35 -5.67 13.63
CA ALA A 394 -8.57 -6.39 14.64
C ALA A 394 -8.08 -7.72 14.08
N LEU A 395 -8.94 -8.39 13.31
CA LEU A 395 -8.63 -9.70 12.75
C LEU A 395 -7.62 -9.62 11.61
N VAL A 396 -7.89 -8.74 10.65
CA VAL A 396 -7.04 -8.67 9.45
C VAL A 396 -5.65 -8.13 9.78
N ILE A 397 -5.54 -7.28 10.79
CA ILE A 397 -4.23 -6.78 11.21
C ILE A 397 -3.48 -7.89 11.94
N LEU A 398 -4.23 -8.72 12.66
CA LEU A 398 -3.68 -9.91 13.27
C LEU A 398 -3.05 -10.80 12.20
N GLY A 399 -3.67 -10.83 11.03
CA GLY A 399 -3.13 -11.56 9.89
C GLY A 399 -1.91 -10.87 9.30
N GLU A 400 -1.87 -9.55 9.40
CA GLU A 400 -0.74 -8.78 8.89
C GLU A 400 0.50 -9.04 9.75
N MET A 401 0.30 -9.13 11.05
CA MET A 401 1.39 -9.38 11.97
C MET A 401 2.06 -10.73 11.68
N LEU A 402 1.32 -11.63 11.05
CA LEU A 402 1.83 -12.96 10.73
C LEU A 402 2.60 -12.99 9.42
N ILE A 403 2.04 -12.35 8.38
CA ILE A 403 2.60 -12.48 7.04
C ILE A 403 3.56 -11.35 6.66
N SER A 404 3.33 -10.15 7.18
CA SER A 404 4.12 -8.99 6.79
C SER A 404 5.58 -9.00 7.28
N PRO A 405 5.83 -9.30 8.58
CA PRO A 405 7.23 -9.25 9.03
C PRO A 405 8.09 -10.38 8.46
N VAL A 406 7.44 -11.33 7.80
CA VAL A 406 8.09 -12.55 7.37
C VAL A 406 8.15 -12.61 5.85
N GLY A 407 7.33 -11.79 5.20
CA GLY A 407 7.22 -11.75 3.74
C GLY A 407 8.49 -11.71 2.92
N LEU A 408 9.33 -10.69 3.14
CA LEU A 408 10.57 -10.57 2.38
C LEU A 408 11.59 -11.60 2.87
N SER A 409 11.39 -12.09 4.08
CA SER A 409 12.26 -13.13 4.64
C SER A 409 12.10 -14.45 3.89
N VAL A 410 10.86 -14.84 3.61
CA VAL A 410 10.61 -16.09 2.88
C VAL A 410 11.12 -16.03 1.45
N THR A 411 10.78 -14.95 0.76
CA THR A 411 11.02 -14.83 -0.67
C THR A 411 12.52 -14.73 -0.99
N THR A 412 13.33 -14.41 0.01
CA THR A 412 14.77 -14.25 -0.18
C THR A 412 15.48 -15.58 0.16
N LYS A 413 14.72 -16.67 0.13
CA LYS A 413 15.28 -17.99 0.39
C LYS A 413 14.72 -19.05 -0.56
N ASN A 420 16.64 -13.45 -8.75
CA ASN A 420 16.88 -13.02 -7.37
C ASN A 420 16.45 -11.57 -7.12
N SER A 421 16.93 -10.66 -7.96
CA SER A 421 16.62 -9.25 -7.82
C SER A 421 15.19 -8.98 -8.21
N GLN A 422 14.74 -9.63 -9.28
CA GLN A 422 13.35 -9.49 -9.67
C GLN A 422 12.49 -10.27 -8.68
N MET A 423 12.98 -11.44 -8.26
CA MET A 423 12.30 -12.28 -7.28
C MET A 423 12.02 -11.53 -5.97
N MET A 424 13.00 -10.75 -5.52
CA MET A 424 12.87 -9.95 -4.30
C MET A 424 11.85 -8.82 -4.46
N SER A 425 11.77 -8.26 -5.67
CA SER A 425 10.84 -7.18 -5.95
C SER A 425 9.41 -7.69 -5.90
N MET A 426 9.25 -9.00 -5.96
CA MET A 426 7.93 -9.59 -6.17
C MET A 426 7.15 -9.70 -4.89
N TRP A 427 7.85 -9.62 -3.77
CA TRP A 427 7.19 -9.50 -2.50
C TRP A 427 6.48 -8.16 -2.45
N PHE A 428 7.17 -7.12 -2.91
CA PHE A 428 6.61 -5.77 -2.92
C PHE A 428 5.49 -5.64 -3.95
N LEU A 429 5.55 -6.48 -4.99
CA LEU A 429 4.57 -6.45 -6.06
C LEU A 429 3.27 -7.16 -5.69
N SER A 430 3.34 -8.03 -4.69
CA SER A 430 2.15 -8.74 -4.23
C SER A 430 1.10 -7.75 -3.74
N SER A 431 1.59 -6.68 -3.12
CA SER A 431 0.76 -5.57 -2.66
C SER A 431 0.05 -4.90 -3.85
N SER A 432 0.78 -4.69 -4.93
CA SER A 432 0.23 -4.03 -6.11
C SER A 432 -0.78 -4.91 -6.84
N VAL A 433 -0.54 -6.22 -6.82
CA VAL A 433 -1.40 -7.16 -7.53
C VAL A 433 -2.72 -7.41 -6.80
N GLY A 434 -2.65 -7.48 -5.46
CA GLY A 434 -3.85 -7.62 -4.65
C GLY A 434 -4.73 -6.40 -4.83
N SER A 435 -4.09 -5.22 -4.88
CA SER A 435 -4.79 -3.98 -5.12
C SER A 435 -5.41 -3.92 -6.52
N ALA A 436 -4.66 -4.44 -7.51
CA ALA A 436 -5.16 -4.51 -8.89
C ALA A 436 -6.34 -5.46 -8.99
N LEU A 437 -6.24 -6.59 -8.30
CA LEU A 437 -7.35 -7.52 -8.20
C LEU A 437 -8.56 -6.83 -7.57
N ASN A 438 -8.30 -6.01 -6.56
CA ASN A 438 -9.34 -5.24 -5.89
C ASN A 438 -10.08 -4.32 -6.86
N ALA A 439 -9.35 -3.75 -7.81
CA ALA A 439 -9.95 -2.86 -8.80
C ALA A 439 -11.06 -3.54 -9.59
N GLN A 440 -11.05 -4.88 -9.57
CA GLN A 440 -12.09 -5.66 -10.21
C GLN A 440 -13.16 -6.10 -9.21
N LEU A 441 -12.73 -6.76 -8.14
CA LEU A 441 -13.65 -7.33 -7.15
C LEU A 441 -14.54 -6.28 -6.50
N VAL A 442 -13.93 -5.15 -6.18
CA VAL A 442 -14.56 -4.09 -5.40
C VAL A 442 -15.83 -3.54 -6.06
N THR A 443 -15.91 -3.66 -7.39
CA THR A 443 -17.08 -3.21 -8.14
C THR A 443 -18.28 -4.12 -7.92
N LEU A 444 -18.06 -5.27 -7.29
CA LEU A 444 -19.15 -6.21 -7.01
C LEU A 444 -19.89 -5.89 -5.71
N TYR A 445 -19.27 -5.05 -4.88
CA TYR A 445 -19.85 -4.78 -3.57
C TYR A 445 -20.93 -3.70 -3.61
N ASN A 446 -22.06 -4.00 -3.01
CA ASN A 446 -23.13 -3.03 -2.78
C ASN A 446 -24.05 -3.52 -1.66
N ALA A 447 -25.14 -2.82 -1.44
CA ALA A 447 -26.05 -3.15 -0.33
C ALA A 447 -26.71 -4.52 -0.52
N LYS A 448 -27.10 -4.82 -1.75
CA LYS A 448 -27.83 -6.06 -2.01
C LYS A 448 -26.91 -7.28 -1.99
N SER A 449 -25.66 -7.10 -2.41
CA SER A 449 -24.74 -8.23 -2.51
C SER A 449 -23.83 -8.35 -1.29
N GLU A 450 -23.99 -7.43 -0.33
CA GLU A 450 -23.12 -7.33 0.84
C GLU A 450 -22.81 -8.67 1.51
N VAL A 451 -23.86 -9.39 1.91
CA VAL A 451 -23.67 -10.63 2.64
C VAL A 451 -22.99 -11.70 1.78
N ALA A 452 -23.33 -11.72 0.50
CA ALA A 452 -22.70 -12.63 -0.45
C ALA A 452 -21.22 -12.30 -0.59
N TYR A 453 -20.94 -11.03 -0.84
CA TYR A 453 -19.59 -10.53 -1.05
C TYR A 453 -18.63 -10.95 0.07
N PHE A 454 -19.01 -10.66 1.31
CA PHE A 454 -18.19 -10.96 2.47
C PHE A 454 -18.02 -12.46 2.70
N SER A 455 -19.12 -13.19 2.65
CA SER A 455 -19.09 -14.64 2.88
C SER A 455 -18.22 -15.32 1.85
N TYR A 456 -18.49 -15.01 0.58
CA TYR A 456 -17.82 -15.62 -0.57
C TYR A 456 -16.30 -15.46 -0.51
N PHE A 457 -15.82 -14.23 -0.47
CA PHE A 457 -14.39 -13.97 -0.46
C PHE A 457 -13.77 -14.25 0.91
N GLY A 458 -14.61 -14.29 1.94
CA GLY A 458 -14.16 -14.64 3.27
C GLY A 458 -13.85 -16.11 3.38
N LEU A 459 -14.79 -16.94 2.95
CA LEU A 459 -14.63 -18.39 2.99
C LEU A 459 -13.52 -18.84 2.07
N GLY A 460 -13.53 -18.32 0.85
CA GLY A 460 -12.53 -18.68 -0.14
C GLY A 460 -11.12 -18.45 0.34
N SER A 461 -10.92 -17.33 1.06
CA SER A 461 -9.60 -16.98 1.57
C SER A 461 -9.16 -17.94 2.67
N VAL A 462 -10.09 -18.30 3.56
CA VAL A 462 -9.81 -19.25 4.63
C VAL A 462 -9.40 -20.60 4.07
N VAL A 463 -10.14 -21.08 3.08
CA VAL A 463 -9.86 -22.38 2.46
C VAL A 463 -8.49 -22.39 1.78
N LEU A 464 -8.15 -21.31 1.10
CA LEU A 464 -6.84 -21.21 0.45
C LEU A 464 -5.72 -21.15 1.50
N GLY A 465 -6.07 -20.69 2.69
CA GLY A 465 -5.15 -20.74 3.81
C GLY A 465 -5.10 -22.16 4.37
N ILE A 466 -6.22 -22.86 4.27
CA ILE A 466 -6.29 -24.26 4.68
C ILE A 466 -5.42 -25.11 3.76
N VAL A 467 -5.50 -24.83 2.46
CA VAL A 467 -4.64 -25.50 1.49
C VAL A 467 -3.17 -25.25 1.78
N LEU A 468 -2.82 -24.00 2.07
CA LEU A 468 -1.42 -23.62 2.23
C LEU A 468 -0.74 -24.31 3.41
N VAL A 469 -1.51 -24.59 4.46
CA VAL A 469 -0.96 -25.25 5.64
C VAL A 469 -0.72 -26.73 5.37
N PHE A 470 -1.53 -27.31 4.48
CA PHE A 470 -1.27 -28.66 3.99
C PHE A 470 0.05 -28.68 3.22
N LEU A 471 0.22 -27.70 2.33
CA LEU A 471 1.41 -27.62 1.49
C LEU A 471 2.66 -27.19 2.27
N SER A 472 2.43 -26.71 3.49
CA SER A 472 3.42 -25.91 4.19
C SER A 472 4.74 -26.60 4.56
N LYS A 473 4.79 -27.94 4.48
CA LYS A 473 6.03 -28.62 4.86
C LYS A 473 6.97 -28.83 3.67
N ARG A 474 6.43 -29.27 2.54
CA ARG A 474 7.23 -29.44 1.33
C ARG A 474 7.95 -28.15 0.95
N ILE A 475 7.22 -27.04 1.05
CA ILE A 475 7.75 -25.73 0.71
C ILE A 475 8.84 -25.31 1.70
N GLN A 476 8.63 -25.64 2.97
CA GLN A 476 9.59 -25.30 4.02
C GLN A 476 10.96 -25.90 3.70
N GLY A 477 10.99 -27.22 3.55
CA GLY A 477 12.22 -27.94 3.27
C GLY A 477 13.04 -27.33 2.14
N LEU A 478 12.35 -26.83 1.12
CA LEU A 478 12.99 -26.16 0.00
C LEU A 478 13.49 -24.77 0.39
N ALA B 1 2.77 -1.38 4.71
CA ALA B 1 1.60 -1.01 3.94
C ALA B 1 0.37 -0.94 4.84
N ALA B 2 -0.74 -0.45 4.28
CA ALA B 2 -1.99 -0.33 5.02
C ALA B 2 -3.19 -0.17 4.09
N ALA B 3 -3.59 1.06 3.85
CA ALA B 3 -4.85 1.36 3.15
C ALA B 3 -6.00 0.62 3.83
#